data_8OTO
#
_entry.id   8OTO
#
_cell.length_a   167.860
_cell.length_b   167.860
_cell.length_c   51.592
_cell.angle_alpha   90.000
_cell.angle_beta   90.000
_cell.angle_gamma   120.000
#
_symmetry.space_group_name_H-M   'P 31 2 1'
#
loop_
_entity.id
_entity.type
_entity.pdbx_description
1 polymer "2'-O-methyltransferase nsp16"
2 polymer 'Non-structural protein 10'
3 non-polymer 1,2-ETHANEDIOL
4 non-polymer '2-(N-MORPHOLINO)-ETHANESULFONIC ACID'
5 non-polymer 'ADENOSINE MONOPHOSPHATE'
6 non-polymer 'ZINC ION'
7 non-polymer 'CHLORIDE ION'
8 water water
#
loop_
_entity_poly.entity_id
_entity_poly.type
_entity_poly.pdbx_seq_one_letter_code
_entity_poly.pdbx_strand_id
1 'polypeptide(L)'
;SSQAWQPGVAMPNLYKMQRMLLEKCDLQNYGDSATLPKGIMMNVAKYTQLCQYLNTLTLAVPYNMRVIHFGAGSDKGVAP
GTAVLRQWLPTGTLLVDSDLNDFVSDADSTLIGDCATVHTANKWDLIISDMYDPKTKNVTKENDSKEGFFTYICGFIQQK
LALGGSVAIKITEHSWNADLYKLMGHFAWWTAFVTNVNASSSEAFLIGCNYLGKPREQIDGYVMHANYIFWRNTNPIQLS
SYSLFDMSKFPLKLRGTAVMSLKEGQINDMILSLLSKGRLIIRENNRVVISSDVLVNNENLYFQ
;
A
2 'polypeptide(L)'
;GAGNATEVPANSTVLSFCAFAVDAAKAYKDYLASGGQPITNCVKMLCTHTGTGQAITVTPEANMDQESFGGASCCLYCRC
HIDHPNPKGFCDLKGKYVQIPTTCANDPVGFTLKNTVCTVCGMWKGYGCSCDQLREPMLQ
;
B
#
loop_
_chem_comp.id
_chem_comp.type
_chem_comp.name
_chem_comp.formula
AMP non-polymer 'ADENOSINE MONOPHOSPHATE' 'C10 H14 N5 O7 P'
CL non-polymer 'CHLORIDE ION' 'Cl -1'
EDO non-polymer 1,2-ETHANEDIOL 'C2 H6 O2'
MES non-polymer '2-(N-MORPHOLINO)-ETHANESULFONIC ACID' 'C6 H13 N O4 S'
ZN non-polymer 'ZINC ION' 'Zn 2'
#
# COMPACT_ATOMS: atom_id res chain seq x y z
N SER A 1 7.31 -5.97 27.00
CA SER A 1 7.95 -5.77 25.66
C SER A 1 8.23 -4.30 25.45
N SER A 2 7.11 -3.57 25.30
CA SER A 2 7.03 -2.24 24.71
C SER A 2 6.89 -2.46 23.21
N GLN A 3 7.82 -3.23 22.63
N GLN A 3 7.81 -3.23 22.62
CA GLN A 3 7.87 -3.45 21.19
CA GLN A 3 7.85 -3.41 21.17
C GLN A 3 6.58 -4.08 20.67
C GLN A 3 6.58 -4.09 20.65
N ALA A 4 5.95 -4.96 21.46
CA ALA A 4 4.77 -5.68 20.99
C ALA A 4 3.59 -4.75 20.79
N TRP A 5 3.60 -3.57 21.39
CA TRP A 5 2.52 -2.62 21.21
C TRP A 5 2.81 -1.59 20.13
N GLN A 6 3.99 -1.66 19.52
CA GLN A 6 4.29 -0.83 18.39
C GLN A 6 3.76 -1.48 17.12
N PRO A 7 3.75 -0.77 16.01
CA PRO A 7 3.37 -1.42 14.74
C PRO A 7 4.44 -2.34 14.21
N GLY A 8 5.67 -2.20 14.71
CA GLY A 8 6.78 -2.99 14.21
C GLY A 8 8.05 -2.51 14.86
N VAL A 9 9.17 -2.92 14.29
CA VAL A 9 10.48 -2.59 14.82
C VAL A 9 11.36 -2.10 13.71
N ALA A 10 12.00 -0.96 13.94
CA ALA A 10 12.94 -0.40 12.96
C ALA A 10 14.37 -0.79 13.33
N MET A 11 15.21 -1.01 12.33
CA MET A 11 16.60 -1.34 12.54
C MET A 11 17.27 -0.29 13.44
N PRO A 12 17.84 -0.68 14.57
CA PRO A 12 18.49 0.35 15.40
C PRO A 12 19.77 0.89 14.77
N ASN A 13 20.01 2.18 15.04
CA ASN A 13 21.09 2.90 14.36
C ASN A 13 22.44 2.22 14.55
N LEU A 14 22.68 1.63 15.71
CA LEU A 14 24.00 1.01 15.91
C LEU A 14 24.21 -0.15 14.95
N TYR A 15 23.14 -0.87 14.57
CA TYR A 15 23.35 -1.98 13.64
C TYR A 15 23.69 -1.45 12.26
N LYS A 16 23.17 -0.28 11.90
CA LYS A 16 23.52 0.34 10.62
C LYS A 16 25.01 0.65 10.52
N MET A 17 25.67 0.86 11.67
CA MET A 17 27.06 1.31 11.69
C MET A 17 28.06 0.16 11.69
N GLN A 18 27.62 -1.07 11.58
CA GLN A 18 28.53 -2.19 11.67
C GLN A 18 29.15 -2.47 10.30
N ARG A 19 30.09 -3.42 10.27
CA ARG A 19 30.62 -3.91 9.01
C ARG A 19 30.55 -5.44 9.02
N MET A 20 29.33 -5.96 8.99
CA MET A 20 29.15 -7.42 9.07
C MET A 20 29.35 -8.09 7.73
N LEU A 21 29.62 -9.38 7.78
CA LEU A 21 29.63 -10.23 6.60
C LEU A 21 28.28 -10.89 6.46
N LEU A 22 27.88 -11.15 5.23
CA LEU A 22 26.57 -11.70 4.97
C LEU A 22 26.49 -13.13 5.44
N GLU A 23 25.46 -13.44 6.22
CA GLU A 23 25.20 -14.79 6.68
C GLU A 23 23.81 -15.19 6.20
N LYS A 24 23.52 -16.48 6.31
CA LYS A 24 22.17 -16.96 6.16
C LYS A 24 21.27 -16.37 7.25
N CYS A 25 20.03 -16.07 6.87
CA CYS A 25 19.05 -15.59 7.84
C CYS A 25 18.35 -16.80 8.46
N ASP A 26 18.43 -16.92 9.78
N ASP A 26 18.46 -16.93 9.78
CA ASP A 26 17.80 -17.99 10.55
CA ASP A 26 17.80 -17.99 10.55
C ASP A 26 16.98 -17.32 11.66
C ASP A 26 16.99 -17.31 11.65
N LEU A 27 15.67 -17.20 11.46
CA LEU A 27 14.83 -16.51 12.42
C LEU A 27 14.28 -17.50 13.46
N GLN A 28 14.46 -17.14 14.73
CA GLN A 28 13.94 -17.95 15.83
C GLN A 28 12.44 -18.18 15.71
N ASN A 29 11.69 -17.11 15.42
N ASN A 29 11.66 -17.10 15.51
CA ASN A 29 10.24 -17.17 15.37
CA ASN A 29 10.21 -17.26 15.40
C ASN A 29 9.72 -17.57 14.00
C ASN A 29 9.74 -17.52 13.97
N TYR A 30 10.58 -18.20 13.17
CA TYR A 30 10.21 -18.58 11.82
C TYR A 30 9.14 -19.66 11.76
N GLY A 31 7.87 -19.27 11.72
CA GLY A 31 6.79 -20.23 11.86
C GLY A 31 5.75 -19.84 12.88
N ASP A 32 6.11 -18.95 13.81
CA ASP A 32 5.10 -18.22 14.57
C ASP A 32 4.18 -17.47 13.61
N SER A 33 2.96 -17.22 14.06
CA SER A 33 2.00 -16.38 13.34
C SER A 33 1.30 -15.49 14.35
N ALA A 34 1.08 -14.24 13.96
CA ALA A 34 0.25 -13.37 14.77
C ALA A 34 -1.21 -13.81 14.61
N THR A 35 -2.00 -13.51 15.62
CA THR A 35 -3.43 -13.73 15.58
C THR A 35 -4.05 -12.47 14.97
N LEU A 36 -4.45 -12.57 13.75
CA LEU A 36 -5.04 -11.40 13.08
C LEU A 36 -6.47 -11.21 13.58
N PRO A 37 -6.97 -9.97 13.63
CA PRO A 37 -8.38 -9.78 13.91
C PRO A 37 -9.26 -10.55 12.94
N LYS A 38 -10.46 -10.91 13.41
CA LYS A 38 -11.36 -11.74 12.63
C LYS A 38 -11.58 -11.18 11.23
N GLY A 39 -11.32 -12.00 10.22
CA GLY A 39 -11.61 -11.64 8.86
C GLY A 39 -10.62 -10.71 8.20
N ILE A 40 -9.52 -10.37 8.86
CA ILE A 40 -8.55 -9.41 8.33
C ILE A 40 -7.42 -10.18 7.64
N MET A 41 -7.10 -9.78 6.41
CA MET A 41 -6.02 -10.41 5.62
C MET A 41 -4.63 -9.94 6.11
N MET A 42 -3.63 -10.82 5.98
CA MET A 42 -2.25 -10.44 6.27
C MET A 42 -1.84 -9.16 5.56
N ASN A 43 -2.22 -9.00 4.28
CA ASN A 43 -1.73 -7.82 3.56
C ASN A 43 -2.36 -6.55 4.09
N VAL A 44 -3.62 -6.60 4.50
CA VAL A 44 -4.21 -5.41 5.14
C VAL A 44 -3.48 -5.09 6.43
N ALA A 45 -3.20 -6.11 7.24
CA ALA A 45 -2.53 -5.89 8.53
C ALA A 45 -1.13 -5.35 8.35
N LYS A 46 -0.40 -5.90 7.38
CA LYS A 46 0.96 -5.47 7.11
C LYS A 46 1.01 -4.03 6.67
N TYR A 47 0.19 -3.69 5.66
CA TYR A 47 0.17 -2.31 5.21
C TYR A 47 -0.30 -1.39 6.31
N THR A 48 -1.26 -1.83 7.12
CA THR A 48 -1.70 -0.94 8.20
C THR A 48 -0.56 -0.64 9.15
N GLN A 49 0.24 -1.65 9.51
CA GLN A 49 1.38 -1.41 10.39
C GLN A 49 2.46 -0.56 9.73
N LEU A 50 2.71 -0.76 8.43
CA LEU A 50 3.63 0.11 7.72
C LEU A 50 3.20 1.56 7.82
N CYS A 51 1.92 1.83 7.54
CA CYS A 51 1.43 3.21 7.60
C CYS A 51 1.47 3.77 9.03
N GLN A 52 1.12 2.95 10.02
CA GLN A 52 1.28 3.41 11.41
C GLN A 52 2.70 3.83 11.72
N TYR A 53 3.69 3.11 11.19
CA TYR A 53 5.09 3.50 11.42
C TYR A 53 5.44 4.77 10.66
N LEU A 54 4.97 4.87 9.41
CA LEU A 54 5.27 6.07 8.64
C LEU A 54 4.67 7.31 9.27
N ASN A 55 3.59 7.14 10.04
CA ASN A 55 3.01 8.29 10.75
C ASN A 55 3.98 8.88 11.76
N THR A 56 5.00 8.13 12.17
CA THR A 56 5.96 8.61 13.16
C THR A 56 7.12 9.35 12.54
N LEU A 57 7.20 9.46 11.21
CA LEU A 57 8.34 10.04 10.54
C LEU A 57 7.93 11.43 10.03
N THR A 58 8.87 12.12 9.42
CA THR A 58 8.62 13.49 8.93
C THR A 58 8.28 13.48 7.44
N LEU A 59 7.26 12.73 7.08
CA LEU A 59 6.85 12.70 5.69
C LEU A 59 6.28 14.07 5.28
N ALA A 60 6.66 14.51 4.09
CA ALA A 60 6.01 15.67 3.49
C ALA A 60 4.63 15.27 2.96
N VAL A 61 3.63 16.10 3.23
CA VAL A 61 2.25 15.79 2.86
C VAL A 61 1.63 17.04 2.24
N PRO A 62 1.89 17.27 0.96
CA PRO A 62 1.37 18.47 0.29
C PRO A 62 -0.08 18.30 -0.12
N TYR A 63 -0.70 19.44 -0.48
CA TYR A 63 -1.95 19.36 -1.20
C TYR A 63 -1.67 18.72 -2.55
N ASN A 64 -2.65 17.97 -3.06
N ASN A 64 -2.64 17.98 -3.09
CA ASN A 64 -2.53 17.30 -4.34
CA ASN A 64 -2.45 17.38 -4.41
C ASN A 64 -1.28 16.42 -4.33
C ASN A 64 -1.31 16.37 -4.37
N MET A 65 -1.16 15.67 -3.25
CA MET A 65 -0.15 14.65 -3.11
C MET A 65 -0.27 13.62 -4.22
N ARG A 66 0.89 13.06 -4.60
CA ARG A 66 0.98 12.02 -5.62
C ARG A 66 1.73 10.82 -5.06
N VAL A 67 1.09 9.66 -5.12
CA VAL A 67 1.66 8.43 -4.56
C VAL A 67 1.53 7.33 -5.60
N ILE A 68 2.61 6.56 -5.78
CA ILE A 68 2.57 5.44 -6.71
C ILE A 68 2.98 4.18 -5.96
N HIS A 69 2.28 3.09 -6.25
CA HIS A 69 2.36 1.82 -5.52
C HIS A 69 2.62 0.70 -6.51
N PHE A 70 3.83 0.14 -6.47
CA PHE A 70 4.23 -0.97 -7.33
C PHE A 70 4.05 -2.29 -6.60
N GLY A 71 3.72 -3.34 -7.36
CA GLY A 71 3.49 -4.65 -6.78
C GLY A 71 2.18 -4.75 -6.03
N ALA A 72 1.14 -4.12 -6.52
CA ALA A 72 -0.10 -3.93 -5.78
C ALA A 72 -1.13 -5.03 -5.98
N GLY A 73 -0.91 -5.95 -6.90
CA GLY A 73 -1.88 -6.99 -7.16
C GLY A 73 -1.67 -8.19 -6.26
N SER A 74 -2.75 -8.83 -5.86
CA SER A 74 -2.66 -10.08 -5.11
C SER A 74 -3.00 -11.26 -6.03
N ASP A 75 -2.63 -12.45 -5.59
CA ASP A 75 -3.09 -13.65 -6.28
C ASP A 75 -4.61 -13.80 -6.24
N LYS A 76 -5.30 -12.99 -5.42
CA LYS A 76 -6.75 -12.98 -5.35
C LYS A 76 -7.38 -12.08 -6.41
N GLY A 77 -6.58 -11.29 -7.14
CA GLY A 77 -7.10 -10.36 -8.13
C GLY A 77 -7.60 -9.04 -7.58
N VAL A 78 -7.28 -8.70 -6.33
CA VAL A 78 -7.66 -7.44 -5.70
C VAL A 78 -6.38 -6.78 -5.17
N ALA A 79 -6.51 -5.63 -4.52
CA ALA A 79 -5.36 -4.80 -4.13
C ALA A 79 -5.55 -4.33 -2.68
N PRO A 80 -5.31 -5.21 -1.71
CA PRO A 80 -5.52 -4.86 -0.32
C PRO A 80 -4.61 -3.74 0.16
N GLY A 81 -3.33 -3.78 -0.24
CA GLY A 81 -2.41 -2.72 0.12
C GLY A 81 -2.83 -1.36 -0.40
N THR A 82 -3.29 -1.31 -1.66
CA THR A 82 -3.79 -0.05 -2.18
C THR A 82 -4.96 0.46 -1.36
N ALA A 83 -5.86 -0.43 -0.98
CA ALA A 83 -7.00 -0.04 -0.16
C ALA A 83 -6.55 0.59 1.16
N VAL A 84 -5.51 0.04 1.78
CA VAL A 84 -5.00 0.63 3.03
C VAL A 84 -4.35 1.97 2.76
N LEU A 85 -3.54 2.06 1.69
CA LEU A 85 -2.90 3.33 1.39
C LEU A 85 -3.94 4.42 1.16
N ARG A 86 -5.01 4.10 0.47
CA ARG A 86 -6.02 5.12 0.18
C ARG A 86 -6.77 5.53 1.44
N GLN A 87 -6.97 4.60 2.35
CA GLN A 87 -7.55 4.93 3.65
C GLN A 87 -6.64 5.86 4.43
N TRP A 88 -5.35 5.53 4.45
CA TRP A 88 -4.37 6.32 5.19
C TRP A 88 -4.15 7.70 4.60
N LEU A 89 -4.00 7.80 3.29
CA LEU A 89 -3.64 9.06 2.66
C LEU A 89 -4.82 10.04 2.73
N PRO A 90 -4.54 11.33 2.71
CA PRO A 90 -5.66 12.31 2.72
C PRO A 90 -6.60 12.09 1.53
N THR A 91 -7.88 12.28 1.78
CA THR A 91 -8.84 12.21 0.70
C THR A 91 -8.42 13.15 -0.42
N GLY A 92 -8.51 12.66 -1.65
CA GLY A 92 -8.09 13.42 -2.78
C GLY A 92 -6.69 13.12 -3.24
N THR A 93 -5.88 12.45 -2.41
CA THR A 93 -4.54 12.11 -2.85
C THR A 93 -4.60 11.30 -4.14
N LEU A 94 -3.78 11.68 -5.10
CA LEU A 94 -3.68 10.93 -6.34
C LEU A 94 -2.88 9.65 -6.09
N LEU A 95 -3.50 8.50 -6.33
CA LEU A 95 -2.86 7.20 -6.05
C LEU A 95 -2.90 6.37 -7.32
N VAL A 96 -1.72 5.97 -7.79
CA VAL A 96 -1.57 5.10 -8.96
C VAL A 96 -0.99 3.78 -8.50
N ASP A 97 -1.51 2.67 -9.02
CA ASP A 97 -0.85 1.41 -8.69
C ASP A 97 -0.63 0.54 -9.91
N SER A 98 0.16 -0.52 -9.71
CA SER A 98 0.67 -1.30 -10.81
C SER A 98 1.07 -2.70 -10.36
N ASP A 99 0.97 -3.63 -11.28
CA ASP A 99 1.43 -4.99 -11.02
C ASP A 99 1.55 -5.69 -12.36
N LEU A 100 2.31 -6.79 -12.35
CA LEU A 100 2.50 -7.62 -13.53
C LEU A 100 1.18 -8.22 -14.01
N ASN A 101 0.33 -8.65 -13.08
CA ASN A 101 -0.88 -9.38 -13.40
C ASN A 101 -2.12 -8.53 -13.14
N ASP A 102 -3.21 -8.88 -13.81
N ASP A 102 -3.21 -8.90 -13.81
CA ASP A 102 -4.43 -8.08 -13.76
CA ASP A 102 -4.46 -8.16 -13.75
C ASP A 102 -5.04 -8.13 -12.37
C ASP A 102 -5.01 -8.13 -12.33
N PHE A 103 -5.59 -7.01 -11.92
CA PHE A 103 -6.25 -6.95 -10.64
C PHE A 103 -7.18 -5.75 -10.63
N VAL A 104 -8.12 -5.78 -9.72
CA VAL A 104 -9.05 -4.66 -9.54
C VAL A 104 -8.66 -3.87 -8.31
N SER A 105 -8.71 -2.56 -8.42
CA SER A 105 -8.11 -1.67 -7.45
C SER A 105 -8.98 -0.46 -7.18
N ASP A 106 -8.80 0.12 -6.01
CA ASP A 106 -9.36 1.42 -5.62
C ASP A 106 -8.47 2.59 -6.01
N ALA A 107 -7.33 2.34 -6.64
CA ALA A 107 -6.48 3.45 -7.06
C ALA A 107 -7.18 4.29 -8.14
N ASP A 108 -6.69 5.53 -8.29
CA ASP A 108 -7.22 6.40 -9.33
C ASP A 108 -6.87 5.91 -10.72
N SER A 109 -5.71 5.28 -10.86
CA SER A 109 -5.37 4.64 -12.12
C SER A 109 -4.49 3.45 -11.82
N THR A 110 -4.55 2.46 -12.68
CA THR A 110 -3.86 1.18 -12.49
C THR A 110 -3.22 0.78 -13.80
N LEU A 111 -1.94 0.39 -13.76
CA LEU A 111 -1.20 -0.01 -14.96
C LEU A 111 -0.81 -1.47 -14.78
N ILE A 112 -1.14 -2.30 -15.77
CA ILE A 112 -0.84 -3.72 -15.72
C ILE A 112 0.30 -4.00 -16.67
N GLY A 113 1.35 -4.61 -16.16
CA GLY A 113 2.53 -4.94 -16.93
C GLY A 113 3.77 -4.90 -16.04
N ASP A 114 4.88 -5.32 -16.62
CA ASP A 114 6.16 -5.23 -15.91
C ASP A 114 6.43 -3.79 -15.52
N CYS A 115 7.00 -3.58 -14.32
CA CYS A 115 7.18 -2.22 -13.85
C CYS A 115 8.05 -1.43 -14.80
N ALA A 116 8.95 -2.10 -15.54
CA ALA A 116 9.83 -1.39 -16.47
C ALA A 116 9.07 -0.77 -17.63
N THR A 117 7.85 -1.19 -17.86
CA THR A 117 7.03 -0.53 -18.89
C THR A 117 6.35 0.74 -18.40
N VAL A 118 6.45 1.07 -17.11
CA VAL A 118 5.74 2.21 -16.54
C VAL A 118 6.55 3.47 -16.73
N HIS A 119 5.92 4.50 -17.31
CA HIS A 119 6.52 5.82 -17.45
C HIS A 119 5.57 6.89 -16.92
N THR A 120 6.12 7.93 -16.35
CA THR A 120 5.31 9.00 -15.81
C THR A 120 5.97 10.30 -16.22
N ALA A 121 5.14 11.27 -16.56
CA ALA A 121 5.64 12.59 -16.89
C ALA A 121 6.05 13.31 -15.61
N ASN A 122 5.40 13.00 -14.51
N ASN A 122 5.33 13.07 -14.53
CA ASN A 122 5.48 13.79 -13.29
CA ASN A 122 5.44 13.84 -13.31
C ASN A 122 6.38 13.14 -12.26
C ASN A 122 6.36 13.17 -12.28
N LYS A 123 6.69 13.92 -11.23
CA LYS A 123 7.40 13.42 -10.06
C LYS A 123 6.39 13.07 -8.98
N TRP A 124 6.83 12.24 -7.99
CA TRP A 124 5.95 11.68 -6.99
C TRP A 124 6.44 12.09 -5.60
N ASP A 125 5.50 12.18 -4.69
CA ASP A 125 5.81 12.51 -3.31
C ASP A 125 6.10 11.28 -2.45
N LEU A 126 5.63 10.11 -2.86
CA LEU A 126 5.80 8.88 -2.09
C LEU A 126 5.73 7.73 -3.06
N ILE A 127 6.66 6.79 -2.94
CA ILE A 127 6.75 5.58 -3.74
C ILE A 127 6.71 4.40 -2.78
N ILE A 128 5.72 3.52 -2.95
CA ILE A 128 5.61 2.27 -2.16
C ILE A 128 5.80 1.11 -3.11
N SER A 129 6.63 0.12 -2.72
CA SER A 129 6.76 -1.09 -3.54
C SER A 129 6.64 -2.32 -2.68
N ASP A 130 5.76 -3.22 -3.09
CA ASP A 130 5.69 -4.56 -2.53
C ASP A 130 6.15 -5.62 -3.52
N MET A 131 6.82 -5.19 -4.59
CA MET A 131 7.25 -6.15 -5.61
C MET A 131 8.17 -7.20 -5.00
N TYR A 132 7.98 -8.45 -5.43
CA TYR A 132 8.69 -9.58 -4.87
C TYR A 132 8.51 -10.75 -5.82
N ASP A 133 9.55 -11.54 -5.99
CA ASP A 133 9.49 -12.81 -6.73
C ASP A 133 9.83 -13.97 -5.81
N PRO A 134 8.87 -14.80 -5.42
CA PRO A 134 9.15 -15.84 -4.40
C PRO A 134 10.16 -16.88 -4.86
N LYS A 135 10.52 -16.88 -6.14
CA LYS A 135 11.61 -17.71 -6.61
C LYS A 135 12.94 -17.35 -5.97
N THR A 136 13.11 -16.11 -5.51
CA THR A 136 14.37 -15.71 -4.88
C THR A 136 14.61 -16.46 -3.58
N LYS A 137 13.60 -17.12 -3.02
CA LYS A 137 13.75 -17.80 -1.74
C LYS A 137 14.42 -19.17 -1.88
N ASN A 138 15.48 -19.25 -2.68
CA ASN A 138 16.22 -20.50 -2.87
C ASN A 138 17.46 -20.46 -2.00
N VAL A 139 17.43 -21.23 -0.90
CA VAL A 139 18.58 -21.29 0.02
C VAL A 139 19.74 -22.13 -0.49
N THR A 140 19.59 -22.79 -1.65
CA THR A 140 20.66 -23.61 -2.21
C THR A 140 21.64 -22.82 -3.07
N LYS A 141 21.41 -21.53 -3.31
CA LYS A 141 22.27 -20.73 -4.17
C LYS A 141 22.78 -19.51 -3.40
N GLU A 142 23.91 -18.99 -3.85
CA GLU A 142 24.52 -17.82 -3.24
C GLU A 142 23.54 -16.65 -3.24
N ASN A 143 23.65 -15.79 -2.23
CA ASN A 143 22.72 -14.66 -2.07
C ASN A 143 23.40 -13.37 -2.52
N ASP A 144 23.30 -13.09 -3.83
CA ASP A 144 23.88 -11.91 -4.41
C ASP A 144 22.82 -10.82 -4.58
N SER A 145 23.29 -9.59 -4.71
CA SER A 145 22.43 -8.46 -5.02
C SER A 145 21.63 -8.74 -6.27
N LYS A 146 20.33 -8.42 -6.23
CA LYS A 146 19.43 -8.72 -7.33
C LYS A 146 19.21 -7.49 -8.20
N GLU A 147 18.95 -7.74 -9.47
N GLU A 147 18.96 -7.72 -9.49
CA GLU A 147 18.68 -6.65 -10.41
CA GLU A 147 18.67 -6.60 -10.37
C GLU A 147 17.19 -6.57 -10.66
C GLU A 147 17.16 -6.59 -10.66
N GLY A 148 16.75 -6.92 -11.87
CA GLY A 148 15.32 -6.94 -12.16
C GLY A 148 14.62 -5.66 -11.77
N PHE A 149 13.46 -5.79 -11.10
CA PHE A 149 12.70 -4.60 -10.73
C PHE A 149 13.46 -3.68 -9.80
N PHE A 150 14.50 -4.17 -9.10
CA PHE A 150 15.26 -3.24 -8.29
C PHE A 150 15.99 -2.23 -9.15
N THR A 151 16.48 -2.66 -10.32
CA THR A 151 17.15 -1.69 -11.19
C THR A 151 16.17 -0.60 -11.61
N TYR A 152 14.94 -0.99 -11.92
CA TYR A 152 13.90 -0.02 -12.26
C TYR A 152 13.64 0.93 -11.11
N ILE A 153 13.45 0.39 -9.90
CA ILE A 153 13.09 1.22 -8.74
C ILE A 153 14.18 2.24 -8.46
N CYS A 154 15.45 1.83 -8.56
CA CYS A 154 16.53 2.78 -8.32
C CYS A 154 16.49 3.93 -9.32
N GLY A 155 16.32 3.62 -10.61
CA GLY A 155 16.26 4.72 -11.58
C GLY A 155 15.01 5.56 -11.38
N PHE A 156 13.90 4.91 -11.05
CA PHE A 156 12.66 5.65 -10.87
C PHE A 156 12.79 6.63 -9.72
N ILE A 157 13.47 6.24 -8.64
CA ILE A 157 13.62 7.16 -7.53
C ILE A 157 14.47 8.36 -7.95
N GLN A 158 15.59 8.09 -8.61
CA GLN A 158 16.52 9.16 -8.93
C GLN A 158 15.93 10.11 -9.99
N GLN A 159 15.04 9.61 -10.83
CA GLN A 159 14.48 10.41 -11.91
C GLN A 159 13.13 11.03 -11.57
N LYS A 160 12.31 10.38 -10.73
CA LYS A 160 10.91 10.77 -10.58
C LYS A 160 10.46 10.95 -9.14
N LEU A 161 11.35 10.88 -8.16
CA LEU A 161 10.95 11.18 -6.78
C LEU A 161 11.19 12.66 -6.51
N ALA A 162 10.17 13.36 -6.05
CA ALA A 162 10.36 14.77 -5.72
C ALA A 162 11.36 14.91 -4.59
N LEU A 163 12.17 15.96 -4.63
CA LEU A 163 12.97 16.27 -3.45
C LEU A 163 12.02 16.47 -2.28
N GLY A 164 12.38 15.89 -1.14
CA GLY A 164 11.51 15.91 0.00
C GLY A 164 10.62 14.69 0.11
N GLY A 165 10.46 13.92 -0.96
CA GLY A 165 9.58 12.79 -0.95
C GLY A 165 10.20 11.60 -0.21
N SER A 166 9.42 10.53 -0.06
CA SER A 166 9.87 9.36 0.69
C SER A 166 9.50 8.09 -0.05
N VAL A 167 10.13 6.99 0.38
CA VAL A 167 9.88 5.70 -0.24
C VAL A 167 9.78 4.63 0.84
N ALA A 168 9.08 3.55 0.51
CA ALA A 168 9.09 2.33 1.33
C ALA A 168 9.10 1.18 0.35
N ILE A 169 10.20 0.42 0.33
CA ILE A 169 10.45 -0.62 -0.68
C ILE A 169 10.66 -1.96 0.02
N LYS A 170 9.86 -2.96 -0.34
N LYS A 170 9.84 -2.94 -0.32
CA LYS A 170 9.91 -4.25 0.34
CA LYS A 170 9.95 -4.26 0.30
C LYS A 170 11.14 -5.06 -0.12
C LYS A 170 11.26 -4.93 -0.12
N ILE A 171 11.92 -5.52 0.86
CA ILE A 171 13.06 -6.40 0.64
C ILE A 171 12.87 -7.63 1.53
N THR A 172 13.70 -8.64 1.29
CA THR A 172 13.76 -9.85 2.11
C THR A 172 15.24 -10.27 2.18
N GLU A 173 15.49 -11.39 2.86
CA GLU A 173 16.85 -11.93 2.88
C GLU A 173 17.43 -12.03 1.47
N HIS A 174 16.70 -12.63 0.52
CA HIS A 174 17.20 -12.82 -0.84
C HIS A 174 16.74 -11.78 -1.85
N SER A 175 15.70 -11.02 -1.54
CA SER A 175 15.21 -10.00 -2.48
C SER A 175 15.70 -8.65 -2.02
N TRP A 176 16.86 -8.24 -2.53
CA TRP A 176 17.49 -6.99 -2.15
C TRP A 176 18.42 -6.57 -3.27
N ASN A 177 18.92 -5.35 -3.16
CA ASN A 177 19.76 -4.72 -4.16
C ASN A 177 20.70 -3.75 -3.45
N ALA A 178 22.00 -3.85 -3.75
CA ALA A 178 22.98 -3.02 -3.05
C ALA A 178 22.84 -1.55 -3.39
N ASP A 179 22.52 -1.23 -4.65
CA ASP A 179 22.35 0.17 -5.03
C ASP A 179 21.18 0.83 -4.33
N LEU A 180 20.14 0.07 -4.03
CA LEU A 180 19.01 0.64 -3.31
C LEU A 180 19.41 1.01 -1.89
N TYR A 181 20.19 0.17 -1.21
CA TYR A 181 20.74 0.60 0.06
C TYR A 181 21.62 1.82 -0.10
N LYS A 182 22.47 1.86 -1.13
CA LYS A 182 23.29 3.04 -1.34
C LYS A 182 22.42 4.28 -1.50
N LEU A 183 21.30 4.14 -2.20
CA LEU A 183 20.40 5.27 -2.40
C LEU A 183 19.71 5.74 -1.12
N MET A 184 19.60 4.88 -0.12
CA MET A 184 19.08 5.32 1.16
C MET A 184 19.94 6.42 1.77
N GLY A 185 21.21 6.49 1.42
CA GLY A 185 22.04 7.57 1.88
C GLY A 185 21.81 8.91 1.22
N HIS A 186 20.88 8.96 0.26
CA HIS A 186 20.49 10.18 -0.43
C HIS A 186 19.22 10.79 0.16
N PHE A 187 18.77 10.28 1.29
CA PHE A 187 17.65 10.79 2.05
C PHE A 187 18.16 11.38 3.36
N ALA A 188 17.34 12.22 3.99
CA ALA A 188 17.72 12.80 5.28
C ALA A 188 17.84 11.74 6.36
N TRP A 189 17.08 10.65 6.22
CA TRP A 189 17.09 9.53 7.17
C TRP A 189 16.60 8.28 6.47
N TRP A 190 16.92 7.13 7.03
CA TRP A 190 16.50 5.88 6.42
C TRP A 190 16.47 4.81 7.51
N THR A 191 15.69 3.76 7.25
CA THR A 191 15.72 2.60 8.12
C THR A 191 15.19 1.39 7.35
N ALA A 192 15.29 0.23 7.99
CA ALA A 192 14.63 -1.01 7.57
C ALA A 192 13.60 -1.35 8.64
N PHE A 193 12.33 -1.39 8.25
CA PHE A 193 11.21 -1.55 9.16
C PHE A 193 10.57 -2.92 8.99
N VAL A 194 10.41 -3.62 10.09
CA VAL A 194 9.80 -4.94 10.11
C VAL A 194 8.42 -4.81 10.77
N THR A 195 7.36 -5.24 10.08
CA THR A 195 6.03 -5.22 10.71
C THR A 195 5.92 -6.29 11.80
N ASN A 196 5.21 -5.96 12.87
CA ASN A 196 5.06 -6.95 13.95
C ASN A 196 4.18 -8.11 13.53
N VAL A 197 3.27 -7.91 12.56
N VAL A 197 3.28 -7.91 12.57
CA VAL A 197 2.45 -9.05 12.16
CA VAL A 197 2.42 -9.01 12.15
C VAL A 197 3.21 -10.05 11.30
C VAL A 197 3.17 -10.02 11.28
N ASN A 198 4.27 -9.62 10.64
CA ASN A 198 5.02 -10.50 9.73
C ASN A 198 6.48 -10.66 10.17
N ALA A 199 6.74 -10.52 11.47
CA ALA A 199 8.06 -10.57 12.05
C ALA A 199 8.71 -11.94 11.97
N SER A 200 7.96 -12.97 11.66
CA SER A 200 8.53 -14.29 11.43
C SER A 200 9.23 -14.41 10.08
N SER A 201 9.12 -13.39 9.25
CA SER A 201 9.71 -13.39 7.93
C SER A 201 10.91 -12.43 7.87
N SER A 202 11.84 -12.68 6.94
CA SER A 202 12.95 -11.76 6.74
C SER A 202 12.56 -10.52 5.95
N GLU A 203 11.30 -10.43 5.55
CA GLU A 203 10.80 -9.19 4.96
C GLU A 203 11.12 -7.98 5.83
N ALA A 204 11.42 -6.88 5.16
CA ALA A 204 11.40 -5.55 5.74
C ALA A 204 11.04 -4.55 4.65
N PHE A 205 10.64 -3.36 5.07
CA PHE A 205 10.51 -2.21 4.17
C PHE A 205 11.70 -1.30 4.37
N LEU A 206 12.48 -1.09 3.31
CA LEU A 206 13.54 -0.10 3.32
C LEU A 206 12.88 1.25 3.11
N ILE A 207 12.98 2.13 4.10
CA ILE A 207 12.28 3.40 4.10
C ILE A 207 13.31 4.52 3.95
N GLY A 208 13.15 5.33 2.92
CA GLY A 208 13.92 6.54 2.77
C GLY A 208 13.04 7.73 3.06
N CYS A 209 13.46 8.56 4.02
CA CYS A 209 12.64 9.64 4.55
C CYS A 209 13.25 10.98 4.14
N ASN A 210 12.56 11.70 3.25
CA ASN A 210 12.90 13.04 2.75
C ASN A 210 14.10 13.01 1.81
N TYR A 211 13.82 12.87 0.51
CA TYR A 211 14.84 12.73 -0.51
C TYR A 211 15.59 14.04 -0.76
N LEU A 212 16.92 13.94 -0.83
CA LEU A 212 17.78 15.10 -1.02
C LEU A 212 18.43 15.15 -2.40
N GLY A 213 18.36 14.06 -3.17
CA GLY A 213 18.87 14.08 -4.53
C GLY A 213 20.38 14.05 -4.65
N LYS A 214 21.07 13.79 -3.55
CA LYS A 214 22.52 13.76 -3.50
C LYS A 214 22.94 12.91 -2.30
N PRO A 215 24.14 12.34 -2.33
CA PRO A 215 24.57 11.52 -1.18
C PRO A 215 24.81 12.42 0.03
N ARG A 216 24.06 12.14 1.08
CA ARG A 216 24.32 12.69 2.40
C ARG A 216 25.30 11.83 3.17
N GLU A 217 25.14 10.51 3.06
CA GLU A 217 26.07 9.54 3.62
C GLU A 217 26.37 8.52 2.55
N GLN A 218 27.60 8.00 2.58
CA GLN A 218 28.02 6.99 1.63
C GLN A 218 27.78 5.63 2.26
N ILE A 219 26.94 4.84 1.63
CA ILE A 219 26.57 3.52 2.14
C ILE A 219 27.04 2.47 1.15
N ASP A 220 27.70 1.43 1.67
CA ASP A 220 28.02 0.22 0.92
C ASP A 220 26.87 -0.77 1.12
N GLY A 221 26.13 -1.04 0.04
CA GLY A 221 24.90 -1.78 0.17
C GLY A 221 25.08 -3.26 0.43
N TYR A 222 26.21 -3.84 -0.03
CA TYR A 222 26.48 -5.24 0.31
C TYR A 222 26.67 -5.36 1.82
N VAL A 223 27.43 -4.45 2.39
CA VAL A 223 27.65 -4.46 3.83
C VAL A 223 26.35 -4.16 4.57
N MET A 224 25.57 -3.18 4.08
CA MET A 224 24.40 -2.80 4.85
C MET A 224 23.39 -3.93 4.87
N HIS A 225 23.31 -4.69 3.79
CA HIS A 225 22.37 -5.80 3.84
C HIS A 225 22.85 -6.87 4.82
N ALA A 226 24.16 -7.08 4.88
CA ALA A 226 24.69 -7.98 5.88
C ALA A 226 24.37 -7.48 7.29
N ASN A 227 24.49 -6.17 7.50
CA ASN A 227 24.13 -5.59 8.78
C ASN A 227 22.67 -5.84 9.12
N TYR A 228 21.78 -5.68 8.13
CA TYR A 228 20.34 -5.93 8.34
C TYR A 228 20.10 -7.37 8.76
N ILE A 229 20.71 -8.32 8.06
CA ILE A 229 20.52 -9.73 8.39
C ILE A 229 21.08 -10.06 9.76
N PHE A 230 22.24 -9.49 10.10
CA PHE A 230 22.78 -9.67 11.45
C PHE A 230 21.79 -9.19 12.51
N TRP A 231 21.22 -8.00 12.31
CA TRP A 231 20.19 -7.49 13.21
C TRP A 231 19.07 -8.50 13.35
N ARG A 232 18.47 -8.93 12.23
CA ARG A 232 17.38 -9.90 12.28
C ARG A 232 17.79 -11.19 12.96
N ASN A 233 19.00 -11.70 12.64
CA ASN A 233 19.45 -12.97 13.20
C ASN A 233 19.61 -12.93 14.70
N THR A 234 19.90 -11.76 15.28
CA THR A 234 20.22 -11.66 16.70
C THR A 234 19.15 -10.98 17.52
N ASN A 235 18.07 -10.53 16.90
CA ASN A 235 17.01 -9.81 17.60
C ASN A 235 15.65 -10.38 17.22
N PRO A 236 15.25 -11.46 17.87
CA PRO A 236 13.94 -12.03 17.59
C PRO A 236 12.87 -11.00 17.88
N ILE A 237 11.91 -10.88 16.98
CA ILE A 237 10.80 -9.96 17.15
C ILE A 237 9.54 -10.77 17.44
N GLN A 238 8.88 -10.44 18.55
CA GLN A 238 7.66 -11.12 18.96
C GLN A 238 6.54 -10.78 18.00
N LEU A 239 5.92 -11.80 17.40
CA LEU A 239 4.78 -11.56 16.54
C LEU A 239 3.70 -10.81 17.31
N SER A 240 3.13 -9.77 16.70
CA SER A 240 2.08 -9.04 17.40
C SER A 240 1.15 -8.34 16.43
N SER A 241 -0.15 -8.42 16.76
CA SER A 241 -1.18 -7.68 16.04
C SER A 241 -1.80 -6.57 16.89
N TYR A 242 -1.20 -6.28 18.06
N TYR A 242 -1.23 -6.27 18.07
CA TYR A 242 -1.79 -5.34 19.02
CA TYR A 242 -1.86 -5.31 18.97
C TYR A 242 -2.13 -3.98 18.39
C TYR A 242 -2.20 -4.01 18.28
N SER A 243 -1.24 -3.42 17.57
CA SER A 243 -1.46 -2.08 17.04
C SER A 243 -2.65 -2.02 16.08
N LEU A 244 -3.11 -3.16 15.56
CA LEU A 244 -4.22 -3.15 14.63
C LEU A 244 -5.52 -2.75 15.30
N PHE A 245 -5.59 -2.87 16.62
CA PHE A 245 -6.85 -2.59 17.30
C PHE A 245 -7.01 -1.12 17.72
N ASP A 246 -6.03 -0.25 17.44
CA ASP A 246 -6.20 1.17 17.73
C ASP A 246 -5.94 1.97 16.48
N MET A 247 -7.02 2.32 15.82
CA MET A 247 -6.97 3.03 14.55
C MET A 247 -7.37 4.49 14.70
N SER A 248 -7.48 5.01 15.94
CA SER A 248 -8.00 6.36 16.13
C SER A 248 -7.10 7.43 15.55
N LYS A 249 -5.80 7.21 15.52
CA LYS A 249 -4.86 8.18 14.98
C LYS A 249 -4.23 7.70 13.67
N PHE A 250 -4.93 6.85 12.94
CA PHE A 250 -4.36 6.26 11.74
C PHE A 250 -4.16 7.23 10.58
N PRO A 251 -5.14 8.10 10.27
CA PRO A 251 -5.02 8.90 9.05
C PRO A 251 -3.77 9.75 9.04
N LEU A 252 -3.15 9.85 7.88
CA LEU A 252 -2.01 10.71 7.72
C LEU A 252 -2.46 12.17 7.77
N LYS A 253 -1.82 12.97 8.61
N LYS A 253 -1.84 12.96 8.62
CA LYS A 253 -2.17 14.38 8.75
CA LYS A 253 -2.20 14.37 8.75
C LYS A 253 -1.90 15.12 7.44
C LYS A 253 -1.91 15.12 7.45
N LEU A 254 -2.88 15.86 6.95
CA LEU A 254 -2.68 16.70 5.75
C LEU A 254 -1.93 17.93 6.25
N ARG A 255 -0.62 17.93 6.06
CA ARG A 255 0.24 18.99 6.58
C ARG A 255 0.22 20.22 5.68
N GLY A 256 -0.25 20.09 4.44
CA GLY A 256 -0.18 21.17 3.49
C GLY A 256 1.21 21.60 3.14
N THR A 257 2.16 20.67 3.18
CA THR A 257 3.54 20.99 2.88
C THR A 257 3.68 21.75 1.59
N ALA A 258 4.56 22.74 1.62
CA ALA A 258 4.78 23.61 0.45
C ALA A 258 5.46 22.86 -0.68
N VAL A 259 5.00 23.14 -1.90
CA VAL A 259 5.60 22.64 -3.12
C VAL A 259 6.14 23.80 -3.92
N MET A 260 7.41 23.71 -4.29
CA MET A 260 8.02 24.72 -5.15
C MET A 260 8.76 24.04 -6.28
N SER A 261 8.83 24.73 -7.39
CA SER A 261 9.72 24.34 -8.46
C SER A 261 11.02 25.12 -8.26
N LEU A 262 12.14 24.45 -8.47
CA LEU A 262 13.43 25.08 -8.27
C LEU A 262 14.43 24.43 -9.19
N LYS A 263 15.40 25.23 -9.62
CA LYS A 263 16.49 24.75 -10.44
C LYS A 263 17.64 24.34 -9.54
N GLU A 264 18.45 23.39 -10.03
CA GLU A 264 19.54 22.86 -9.21
C GLU A 264 20.36 23.96 -8.54
N GLY A 265 20.54 25.09 -9.22
CA GLY A 265 21.35 26.15 -8.65
C GLY A 265 20.76 26.79 -7.41
N GLN A 266 19.46 26.62 -7.20
CA GLN A 266 18.78 27.28 -6.09
C GLN A 266 18.71 26.40 -4.83
N ILE A 267 19.15 25.14 -4.92
CA ILE A 267 19.08 24.25 -3.75
C ILE A 267 20.28 24.53 -2.85
N ASN A 268 20.10 25.49 -1.96
CA ASN A 268 21.10 25.87 -0.98
C ASN A 268 20.93 25.04 0.30
N ASP A 269 21.69 25.40 1.34
CA ASP A 269 21.67 24.65 2.59
C ASP A 269 20.39 24.90 3.38
N MET A 270 19.83 26.09 3.28
CA MET A 270 18.55 26.38 3.92
C MET A 270 17.43 25.55 3.27
N ILE A 271 17.45 25.42 1.95
CA ILE A 271 16.47 24.58 1.26
C ILE A 271 16.66 23.12 1.67
N LEU A 272 17.89 22.65 1.62
CA LEU A 272 18.22 21.28 2.04
C LEU A 272 17.80 21.03 3.46
N SER A 273 17.84 22.05 4.31
CA SER A 273 17.41 21.87 5.69
C SER A 273 15.90 21.74 5.76
N LEU A 274 15.17 22.52 4.94
CA LEU A 274 13.72 22.40 4.95
C LEU A 274 13.29 21.04 4.40
N LEU A 275 13.99 20.58 3.37
CA LEU A 275 13.70 19.26 2.81
C LEU A 275 13.89 18.19 3.86
N SER A 276 14.98 18.30 4.62
CA SER A 276 15.35 17.30 5.60
C SER A 276 14.40 17.23 6.76
N LYS A 277 13.60 18.27 6.97
CA LYS A 277 12.67 18.35 8.07
C LYS A 277 11.25 18.02 7.66
N GLY A 278 11.01 17.65 6.41
CA GLY A 278 9.66 17.34 6.01
C GLY A 278 8.81 18.56 5.75
N ARG A 279 9.45 19.71 5.49
CA ARG A 279 8.74 20.97 5.37
C ARG A 279 8.70 21.50 3.94
N LEU A 280 9.20 20.75 2.96
CA LEU A 280 9.24 21.25 1.59
C LEU A 280 9.28 20.11 0.59
N ILE A 281 8.57 20.28 -0.52
CA ILE A 281 8.60 19.36 -1.66
C ILE A 281 9.03 20.16 -2.88
N ILE A 282 9.97 19.64 -3.66
CA ILE A 282 10.42 20.33 -4.87
C ILE A 282 10.06 19.48 -6.08
N ARG A 283 9.17 20.00 -6.91
CA ARG A 283 8.76 19.39 -8.16
C ARG A 283 7.81 20.34 -8.86
N GLU A 284 7.59 20.09 -10.14
CA GLU A 284 6.50 20.70 -10.89
C GLU A 284 5.18 20.31 -10.26
N ASN A 285 4.16 21.16 -10.41
CA ASN A 285 2.85 20.87 -9.87
C ASN A 285 1.82 20.73 -11.00
N ASN A 286 2.26 20.14 -12.10
CA ASN A 286 1.43 20.01 -13.29
C ASN A 286 0.50 18.81 -13.15
N ARG A 287 -0.20 18.52 -14.24
CA ARG A 287 -1.11 17.39 -14.29
C ARG A 287 -0.31 16.09 -14.27
N VAL A 288 -0.93 15.07 -13.71
CA VAL A 288 -0.28 13.76 -13.57
C VAL A 288 -0.66 12.89 -14.75
N VAL A 289 0.34 12.45 -15.51
CA VAL A 289 0.15 11.67 -16.72
C VAL A 289 1.07 10.47 -16.68
N ILE A 290 0.51 9.29 -16.89
CA ILE A 290 1.24 8.03 -16.82
C ILE A 290 1.00 7.23 -18.08
N SER A 291 1.86 6.23 -18.32
CA SER A 291 1.59 5.31 -19.43
C SER A 291 2.32 4.00 -19.20
N SER A 292 1.84 2.98 -19.93
CA SER A 292 2.46 1.66 -19.96
C SER A 292 2.87 1.34 -21.39
N ASP A 293 4.15 1.04 -21.59
CA ASP A 293 4.64 0.59 -22.89
C ASP A 293 4.03 -0.75 -23.21
N VAL A 294 3.57 -0.91 -24.45
CA VAL A 294 3.00 -2.17 -24.91
C VAL A 294 3.81 -2.66 -26.11
N LEU A 295 4.31 -3.89 -26.02
CA LEU A 295 5.00 -4.54 -27.11
C LEU A 295 3.99 -5.09 -28.10
N VAL A 296 4.14 -4.74 -29.36
CA VAL A 296 3.21 -5.19 -30.40
C VAL A 296 3.85 -6.30 -31.21
N ASN A 297 3.12 -7.40 -31.37
CA ASN A 297 3.53 -8.54 -32.17
C ASN A 297 2.34 -9.10 -32.94
N ASN A 298 2.60 -9.56 -34.15
CA ASN A 298 1.61 -10.31 -34.94
C ASN A 298 2.17 -11.72 -35.13
N GLU A 299 1.53 -12.70 -34.52
CA GLU A 299 2.00 -14.08 -34.50
C GLU A 299 1.37 -14.94 -35.61
N ASN A 300 0.63 -14.32 -36.52
CA ASN A 300 -0.02 -15.04 -37.60
C ASN A 300 0.98 -15.45 -38.66
N LEU A 301 0.71 -16.60 -39.29
CA LEU A 301 1.69 -17.46 -39.98
C LEU A 301 3.10 -17.25 -39.46
N ALA B 19 -29.62 -5.66 -28.51
CA ALA B 19 -30.76 -6.29 -27.85
C ALA B 19 -30.27 -7.24 -26.74
N PHE B 20 -29.27 -8.05 -27.03
CA PHE B 20 -28.70 -8.96 -26.03
C PHE B 20 -27.70 -8.24 -25.14
N ALA B 21 -27.84 -8.44 -23.83
CA ALA B 21 -26.91 -7.97 -22.82
C ALA B 21 -26.79 -9.01 -21.73
N VAL B 22 -25.56 -9.34 -21.33
CA VAL B 22 -25.40 -10.23 -20.20
C VAL B 22 -26.00 -9.57 -18.96
N ASP B 23 -26.75 -10.36 -18.17
CA ASP B 23 -27.34 -9.87 -16.93
C ASP B 23 -26.59 -10.50 -15.76
N ALA B 24 -25.47 -9.88 -15.39
CA ALA B 24 -24.62 -10.47 -14.36
C ALA B 24 -25.29 -10.40 -12.98
N ALA B 25 -26.02 -9.32 -12.70
CA ALA B 25 -26.73 -9.19 -11.43
C ALA B 25 -27.70 -10.33 -11.24
N LYS B 26 -28.57 -10.56 -12.22
CA LYS B 26 -29.51 -11.67 -12.13
C LYS B 26 -28.79 -13.00 -11.96
N ALA B 27 -27.69 -13.20 -12.69
CA ALA B 27 -26.96 -14.46 -12.58
C ALA B 27 -26.45 -14.68 -11.16
N TYR B 28 -25.94 -13.62 -10.53
CA TYR B 28 -25.37 -13.81 -9.19
C TYR B 28 -26.49 -14.10 -8.19
N LYS B 29 -27.58 -13.32 -8.27
CA LYS B 29 -28.76 -13.57 -7.43
C LYS B 29 -29.24 -15.01 -7.55
N ASP B 30 -29.35 -15.52 -8.78
CA ASP B 30 -29.82 -16.89 -8.98
C ASP B 30 -28.80 -17.90 -8.52
N TYR B 31 -27.51 -17.63 -8.73
CA TYR B 31 -26.48 -18.51 -8.22
C TYR B 31 -26.55 -18.61 -6.71
N LEU B 32 -26.79 -17.47 -6.05
CA LEU B 32 -26.87 -17.47 -4.59
C LEU B 32 -28.08 -18.25 -4.11
N ALA B 33 -29.24 -18.03 -4.74
CA ALA B 33 -30.45 -18.74 -4.35
C ALA B 33 -30.31 -20.24 -4.55
N SER B 34 -29.54 -20.67 -5.54
CA SER B 34 -29.27 -22.08 -5.74
C SER B 34 -28.26 -22.65 -4.74
N GLY B 35 -27.75 -21.85 -3.81
CA GLY B 35 -26.80 -22.34 -2.84
C GLY B 35 -25.32 -22.13 -3.18
N GLY B 36 -25.01 -21.23 -4.11
CA GLY B 36 -23.61 -20.99 -4.43
C GLY B 36 -22.90 -20.23 -3.34
N GLN B 37 -21.61 -20.52 -3.18
CA GLN B 37 -20.79 -19.81 -2.19
C GLN B 37 -20.59 -18.37 -2.64
N PRO B 38 -20.81 -17.37 -1.77
CA PRO B 38 -20.67 -15.98 -2.20
C PRO B 38 -19.23 -15.62 -2.59
N ILE B 39 -19.11 -14.56 -3.37
CA ILE B 39 -17.79 -14.08 -3.79
C ILE B 39 -16.98 -13.75 -2.54
N THR B 40 -15.73 -14.19 -2.55
CA THR B 40 -14.82 -14.03 -1.42
C THR B 40 -13.71 -13.03 -1.75
N ASN B 41 -12.83 -12.84 -0.77
CA ASN B 41 -11.68 -11.96 -0.88
C ASN B 41 -12.06 -10.51 -1.07
N CYS B 42 -13.25 -10.13 -0.61
CA CYS B 42 -13.50 -8.70 -0.44
C CYS B 42 -12.54 -8.18 0.62
N VAL B 43 -12.05 -6.96 0.44
CA VAL B 43 -10.93 -6.45 1.24
C VAL B 43 -11.51 -5.74 2.47
N LYS B 44 -11.42 -6.38 3.63
CA LYS B 44 -11.97 -5.80 4.85
C LYS B 44 -10.92 -4.91 5.51
N MET B 45 -11.33 -3.74 5.93
CA MET B 45 -10.43 -2.70 6.42
C MET B 45 -10.40 -2.75 7.95
N LEU B 46 -9.27 -2.37 8.53
CA LEU B 46 -9.24 -2.08 9.96
C LEU B 46 -9.75 -0.66 10.18
N CYS B 47 -10.57 -0.48 11.22
CA CYS B 47 -11.08 0.85 11.52
C CYS B 47 -11.55 0.87 12.97
N THR B 48 -11.98 2.06 13.43
CA THR B 48 -12.41 2.24 14.82
C THR B 48 -13.76 1.60 15.10
N HIS B 49 -14.61 1.47 14.07
CA HIS B 49 -16.00 1.07 14.25
C HIS B 49 -16.77 2.05 15.12
N THR B 50 -16.38 3.32 15.04
CA THR B 50 -17.10 4.43 15.66
C THR B 50 -17.48 5.48 14.63
N GLY B 51 -17.71 5.05 13.40
CA GLY B 51 -17.96 5.95 12.30
C GLY B 51 -19.44 6.24 12.11
N THR B 52 -19.72 6.96 11.03
CA THR B 52 -21.09 7.45 10.83
C THR B 52 -22.06 6.36 10.44
N GLY B 53 -21.59 5.23 9.90
CA GLY B 53 -22.51 4.22 9.41
C GLY B 53 -23.07 4.47 8.03
N GLN B 54 -22.71 5.55 7.36
CA GLN B 54 -23.19 5.76 6.01
C GLN B 54 -22.68 4.64 5.09
N ALA B 55 -23.39 4.42 3.98
CA ALA B 55 -23.20 3.23 3.18
C ALA B 55 -21.88 3.24 2.40
N ILE B 56 -21.59 4.33 1.72
CA ILE B 56 -20.46 4.40 0.80
C ILE B 56 -19.74 5.71 1.06
N THR B 57 -18.49 5.65 1.52
CA THR B 57 -17.80 6.83 2.00
C THR B 57 -16.38 6.91 1.45
N VAL B 58 -15.76 8.08 1.60
CA VAL B 58 -14.42 8.26 1.06
C VAL B 58 -13.34 7.67 1.95
N THR B 59 -13.68 7.31 3.18
CA THR B 59 -12.84 6.64 4.16
C THR B 59 -13.73 5.69 4.94
N PRO B 60 -13.17 4.66 5.57
CA PRO B 60 -14.00 3.72 6.33
C PRO B 60 -14.84 4.42 7.40
N GLU B 61 -16.11 4.05 7.49
CA GLU B 61 -17.03 4.68 8.40
C GLU B 61 -17.92 3.68 9.11
N ALA B 62 -17.50 2.42 9.19
CA ALA B 62 -18.26 1.41 9.91
C ALA B 62 -18.60 1.88 11.33
N ASN B 63 -19.82 1.60 11.75
CA ASN B 63 -20.16 1.73 13.16
C ASN B 63 -20.00 0.37 13.83
N MET B 64 -20.55 0.24 15.06
CA MET B 64 -20.31 -0.97 15.83
C MET B 64 -20.91 -2.20 15.19
N ASP B 65 -21.90 -2.01 14.30
CA ASP B 65 -22.64 -3.12 13.71
C ASP B 65 -22.34 -3.32 12.23
N GLN B 66 -21.23 -2.75 11.77
CA GLN B 66 -20.83 -2.86 10.37
C GLN B 66 -19.36 -3.24 10.25
N GLU B 67 -19.01 -3.73 9.07
CA GLU B 67 -17.63 -3.86 8.62
C GLU B 67 -17.44 -2.95 7.42
N SER B 68 -16.23 -2.39 7.27
CA SER B 68 -15.91 -1.54 6.14
C SER B 68 -15.03 -2.33 5.18
N PHE B 69 -15.27 -2.15 3.88
CA PHE B 69 -14.57 -2.89 2.84
C PHE B 69 -14.12 -1.93 1.76
N GLY B 70 -12.99 -2.23 1.14
CA GLY B 70 -12.62 -1.50 -0.06
C GLY B 70 -13.69 -1.67 -1.12
N GLY B 71 -14.11 -0.58 -1.76
CA GLY B 71 -15.28 -0.64 -2.62
C GLY B 71 -15.12 -1.52 -3.85
N ALA B 72 -14.00 -1.38 -4.56
CA ALA B 72 -13.84 -2.15 -5.80
C ALA B 72 -13.98 -3.64 -5.54
N SER B 73 -13.46 -4.12 -4.41
CA SER B 73 -13.51 -5.55 -4.14
C SER B 73 -14.92 -6.05 -3.83
N CYS B 74 -15.87 -5.14 -3.60
CA CYS B 74 -17.26 -5.49 -3.30
C CYS B 74 -18.19 -5.19 -4.48
N CYS B 75 -17.66 -4.87 -5.63
CA CYS B 75 -18.44 -4.51 -6.80
C CYS B 75 -18.50 -5.70 -7.74
N LEU B 76 -19.71 -6.19 -8.01
CA LEU B 76 -19.87 -7.33 -8.92
C LEU B 76 -19.20 -7.07 -10.25
N TYR B 77 -19.38 -5.88 -10.79
CA TYR B 77 -18.87 -5.60 -12.13
C TYR B 77 -17.36 -5.50 -12.13
N CYS B 78 -16.79 -4.79 -11.16
CA CYS B 78 -15.34 -4.78 -11.02
C CYS B 78 -14.79 -6.20 -10.91
N ARG B 79 -15.38 -7.02 -10.03
CA ARG B 79 -14.80 -8.31 -9.70
C ARG B 79 -14.94 -9.30 -10.86
N CYS B 80 -16.01 -9.18 -11.63
CA CYS B 80 -16.25 -10.09 -12.75
C CYS B 80 -15.60 -9.61 -14.05
N HIS B 81 -15.03 -8.42 -14.04
CA HIS B 81 -14.38 -7.82 -15.19
C HIS B 81 -15.41 -7.62 -16.30
N ILE B 82 -16.47 -6.88 -15.97
CA ILE B 82 -17.53 -6.61 -16.93
C ILE B 82 -17.94 -5.17 -16.83
N ASP B 83 -18.61 -4.70 -17.89
CA ASP B 83 -18.95 -3.29 -17.99
C ASP B 83 -19.95 -2.94 -16.88
N HIS B 84 -19.84 -1.71 -16.41
CA HIS B 84 -20.78 -1.31 -15.37
C HIS B 84 -22.10 -0.91 -16.01
N PRO B 85 -23.23 -1.30 -15.41
CA PRO B 85 -24.53 -0.99 -16.00
C PRO B 85 -24.86 0.48 -15.80
N ASN B 86 -24.40 1.29 -16.71
CA ASN B 86 -24.41 2.74 -16.58
C ASN B 86 -23.88 3.21 -17.93
N PRO B 87 -24.57 4.09 -18.65
CA PRO B 87 -24.06 4.52 -19.95
C PRO B 87 -22.61 5.03 -19.90
N LYS B 88 -22.24 5.73 -18.82
CA LYS B 88 -20.88 6.22 -18.66
C LYS B 88 -19.91 5.17 -18.16
N GLY B 89 -20.43 4.03 -17.66
CA GLY B 89 -19.61 2.99 -17.10
C GLY B 89 -18.94 3.35 -15.79
N PHE B 90 -19.44 4.36 -15.07
N PHE B 90 -19.39 4.39 -15.10
CA PHE B 90 -18.87 4.78 -13.79
CA PHE B 90 -18.79 4.73 -13.82
C PHE B 90 -19.23 3.78 -12.70
C PHE B 90 -19.13 3.66 -12.78
N CYS B 91 -18.34 3.66 -11.71
CA CYS B 91 -18.53 2.74 -10.59
C CYS B 91 -18.83 3.55 -9.34
N ASP B 92 -19.92 3.18 -8.65
CA ASP B 92 -20.28 3.81 -7.39
C ASP B 92 -19.33 3.47 -6.25
N LEU B 93 -18.57 2.40 -6.39
CA LEU B 93 -17.85 1.83 -5.23
C LEU B 93 -16.34 1.96 -5.34
N LYS B 94 -15.80 1.83 -6.54
CA LYS B 94 -14.36 1.91 -6.74
C LYS B 94 -13.80 3.20 -6.20
N GLY B 95 -12.74 3.08 -5.39
CA GLY B 95 -12.07 4.24 -4.86
C GLY B 95 -12.67 4.77 -3.58
N LYS B 96 -13.73 4.12 -3.10
CA LYS B 96 -14.45 4.44 -1.86
C LYS B 96 -14.43 3.20 -0.95
N TYR B 97 -15.10 3.33 0.20
CA TYR B 97 -15.27 2.25 1.15
C TYR B 97 -16.76 2.01 1.33
N VAL B 98 -17.13 0.75 1.47
CA VAL B 98 -18.52 0.37 1.65
C VAL B 98 -18.70 -0.27 3.02
N GLN B 99 -19.70 0.24 3.75
CA GLN B 99 -20.08 -0.32 5.03
C GLN B 99 -21.16 -1.37 4.85
N ILE B 100 -20.90 -2.54 5.39
CA ILE B 100 -21.78 -3.70 5.27
C ILE B 100 -22.19 -4.10 6.68
N PRO B 101 -23.48 -4.30 6.95
CA PRO B 101 -23.86 -4.86 8.25
C PRO B 101 -23.10 -6.12 8.55
N THR B 102 -22.69 -6.26 9.82
CA THR B 102 -21.89 -7.43 10.19
C THR B 102 -22.65 -8.71 9.92
N THR B 103 -23.98 -8.69 10.07
CA THR B 103 -24.74 -9.90 9.80
C THR B 103 -24.71 -10.31 8.33
N CYS B 104 -24.43 -9.38 7.42
CA CYS B 104 -24.39 -9.68 5.99
C CYS B 104 -22.97 -9.68 5.42
N ALA B 105 -21.95 -9.61 6.27
CA ALA B 105 -20.59 -9.43 5.79
C ALA B 105 -19.99 -10.69 5.20
N ASN B 106 -20.70 -11.83 5.27
CA ASN B 106 -20.26 -13.01 4.52
C ASN B 106 -20.46 -12.84 3.01
N ASP B 107 -21.22 -11.84 2.55
CA ASP B 107 -21.48 -11.66 1.12
C ASP B 107 -21.62 -10.18 0.81
N PRO B 108 -20.51 -9.43 0.85
CA PRO B 108 -20.61 -8.00 0.56
C PRO B 108 -21.08 -7.70 -0.86
N VAL B 109 -20.67 -8.51 -1.85
CA VAL B 109 -21.08 -8.22 -3.22
C VAL B 109 -22.59 -8.37 -3.36
N GLY B 110 -23.13 -9.47 -2.81
CA GLY B 110 -24.57 -9.65 -2.81
C GLY B 110 -25.28 -8.53 -2.09
N PHE B 111 -24.74 -8.11 -0.94
CA PHE B 111 -25.39 -7.03 -0.22
C PHE B 111 -25.44 -5.75 -1.05
N THR B 112 -24.32 -5.35 -1.65
CA THR B 112 -24.33 -4.08 -2.36
C THR B 112 -25.19 -4.16 -3.60
N LEU B 113 -25.25 -5.33 -4.21
CA LEU B 113 -26.09 -5.54 -5.40
C LEU B 113 -27.56 -5.39 -5.06
N LYS B 114 -28.01 -6.04 -3.98
CA LYS B 114 -29.43 -6.12 -3.65
C LYS B 114 -29.98 -4.90 -2.94
N ASN B 115 -29.14 -4.05 -2.37
CA ASN B 115 -29.65 -2.97 -1.53
C ASN B 115 -29.42 -1.63 -2.18
N THR B 116 -30.06 -0.61 -1.61
N THR B 116 -30.03 -0.61 -1.60
CA THR B 116 -29.99 0.73 -2.17
CA THR B 116 -30.01 0.73 -2.16
C THR B 116 -29.68 1.72 -1.07
C THR B 116 -29.70 1.72 -1.07
N VAL B 117 -29.00 2.79 -1.45
CA VAL B 117 -28.58 3.84 -0.54
C VAL B 117 -29.57 4.98 -0.60
N CYS B 118 -30.03 5.44 0.57
CA CYS B 118 -30.87 6.63 0.63
C CYS B 118 -30.16 7.87 0.11
N THR B 119 -30.75 8.51 -0.90
CA THR B 119 -30.15 9.72 -1.47
C THR B 119 -30.18 10.91 -0.52
N VAL B 120 -30.90 10.82 0.59
CA VAL B 120 -31.03 11.95 1.51
C VAL B 120 -30.02 11.87 2.63
N CYS B 121 -29.96 10.74 3.34
CA CYS B 121 -29.12 10.60 4.51
C CYS B 121 -27.87 9.76 4.27
N GLY B 122 -27.74 9.10 3.12
CA GLY B 122 -26.58 8.30 2.80
C GLY B 122 -26.50 6.95 3.50
N MET B 123 -27.49 6.61 4.30
CA MET B 123 -27.57 5.29 4.90
C MET B 123 -28.17 4.28 3.93
N TRP B 124 -27.96 3.00 4.22
CA TRP B 124 -28.59 1.95 3.47
C TRP B 124 -30.07 1.95 3.79
N LYS B 125 -30.91 1.87 2.77
CA LYS B 125 -32.35 1.65 2.99
C LYS B 125 -32.51 0.36 3.77
N GLY B 126 -33.19 0.44 4.90
CA GLY B 126 -33.45 -0.73 5.72
C GLY B 126 -32.32 -1.16 6.64
N TYR B 127 -31.16 -0.50 6.56
CA TYR B 127 -30.02 -0.84 7.42
C TYR B 127 -29.38 0.44 7.92
N GLY B 128 -30.23 1.36 8.38
CA GLY B 128 -29.74 2.61 8.90
C GLY B 128 -30.58 3.80 8.50
N CYS B 129 -31.24 3.76 7.35
CA CYS B 129 -32.05 4.90 6.93
C CYS B 129 -33.31 4.97 7.79
N SER B 130 -33.51 6.10 8.45
CA SER B 130 -34.68 6.34 9.29
C SER B 130 -35.56 7.45 8.70
N CYS B 131 -35.38 7.77 7.42
CA CYS B 131 -36.05 8.92 6.84
C CYS B 131 -37.56 8.73 6.81
N ASP B 132 -38.02 7.49 6.61
CA ASP B 132 -39.44 7.18 6.55
C ASP B 132 -40.10 7.01 7.93
N GLN B 133 -39.44 7.44 9.01
CA GLN B 133 -40.00 7.36 10.34
C GLN B 133 -40.93 8.54 10.62
N LEU B 134 -41.84 8.34 11.56
CA LEU B 134 -42.81 9.37 11.96
C LEU B 134 -42.11 10.44 12.79
C1 EDO C . -4.36 15.18 -1.55
O1 EDO C . -3.24 15.67 -0.82
C2 EDO C . -5.54 16.15 -1.42
O2 EDO C . -5.02 17.48 -1.65
H11 EDO C . -4.65 14.20 -1.15
H12 EDO C . -4.09 15.05 -2.59
HO1 EDO C . -2.54 15.00 -0.78
H21 EDO C . -5.98 16.08 -0.42
H22 EDO C . -6.30 15.91 -2.16
HO2 EDO C . -5.37 18.08 -0.98
C1 EDO D . 14.52 -9.81 -7.75
O1 EDO D . 13.32 -10.58 -7.93
C2 EDO D . 14.48 -8.63 -8.69
O2 EDO D . 13.75 -9.02 -9.86
H11 EDO D . 14.59 -9.48 -6.71
H12 EDO D . 15.40 -10.43 -7.96
HO1 EDO D . 13.36 -11.36 -7.38
H21 EDO D . 13.97 -7.79 -8.20
H22 EDO D . 15.48 -8.32 -8.94
HO2 EDO D . 13.53 -8.23 -10.37
O1 MES E . 11.51 11.09 11.06
C2 MES E . 12.86 11.32 10.69
C3 MES E . 13.78 10.38 11.46
N4 MES E . 13.55 10.44 12.90
C5 MES E . 12.14 10.31 13.26
C6 MES E . 11.34 11.32 12.45
C7 MES E . 14.39 9.51 13.70
C8 MES E . 15.78 10.07 14.00
S MES E . 16.69 9.02 14.97
O1S MES E . 16.89 9.67 16.28
O2S MES E . 15.96 7.74 15.19
O3S MES E . 17.98 8.80 14.28
H21 MES E . 13.13 12.36 10.91
H22 MES E . 12.99 11.16 9.62
H31 MES E . 13.62 9.36 11.11
H32 MES E . 14.82 10.64 11.25
HN4 MES E . 13.85 11.38 13.14
H51 MES E . 12.01 10.47 14.33
H52 MES E . 11.79 9.29 13.04
H61 MES E . 11.68 12.33 12.70
H62 MES E . 10.29 11.25 12.71
H71 MES E . 13.87 9.29 14.63
H72 MES E . 14.50 8.57 13.15
H81 MES E . 15.67 11.03 14.52
H82 MES E . 16.31 10.25 13.06
C1 EDO F . 3.87 10.34 -19.91
O1 EDO F . 3.78 8.92 -20.04
C2 EDO F . 5.36 10.64 -20.06
O2 EDO F . 6.03 9.38 -20.04
H11 EDO F . 3.51 10.67 -18.93
H12 EDO F . 3.28 10.85 -20.67
HO1 EDO F . 2.86 8.64 -19.90
H21 EDO F . 5.55 11.17 -21.00
H22 EDO F . 5.70 11.28 -19.24
HO2 EDO F . 6.84 9.46 -19.53
C1 EDO G . 20.93 -18.20 2.38
O1 EDO G . 19.57 -18.61 2.58
C2 EDO G . 21.56 -18.92 1.19
O2 EDO G . 21.32 -18.14 0.01
H11 EDO G . 21.51 -18.41 3.28
H12 EDO G . 20.97 -17.11 2.21
HO1 EDO G . 19.20 -18.14 3.33
H21 EDO G . 21.12 -19.91 1.07
H22 EDO G . 22.64 -19.04 1.34
HO2 EDO G . 21.72 -18.57 -0.75
C1 EDO H . -0.52 -11.59 19.29
O1 EDO H . -1.11 -10.50 18.60
C2 EDO H . -0.52 -12.77 18.33
O2 EDO H . 0.40 -13.77 18.80
H11 EDO H . -1.09 -11.83 20.19
H12 EDO H . 0.50 -11.35 19.59
HO1 EDO H . -1.17 -9.74 19.21
H21 EDO H . -1.53 -13.19 18.26
H22 EDO H . -0.23 -12.44 17.33
HO2 EDO H . 0.50 -14.45 18.12
C1 EDO I . 10.46 -15.31 4.68
O1 EDO I . 11.58 -15.08 5.57
C2 EDO I . 10.60 -14.43 3.42
O2 EDO I . 11.61 -14.97 2.56
H11 EDO I . 9.53 -15.08 5.19
H12 EDO I . 10.42 -16.35 4.39
HO1 EDO I . 12.34 -15.60 5.26
H21 EDO I . 9.64 -14.39 2.90
H22 EDO I . 10.86 -13.40 3.72
HO2 EDO I . 11.85 -14.31 1.90
C1 EDO J . -10.28 -14.37 16.42
O1 EDO J . -11.43 -13.53 16.45
C2 EDO J . -9.25 -13.65 15.56
O2 EDO J . -8.03 -14.38 15.54
H11 EDO J . -9.90 -14.54 17.44
H12 EDO J . -10.52 -15.35 15.99
HO1 EDO J . -12.19 -14.00 16.08
H21 EDO J . -9.63 -13.53 14.55
H22 EDO J . -9.07 -12.65 15.98
HO2 EDO J . -7.39 -13.92 14.98
C1 EDO K . 10.69 5.80 -15.75
O1 EDO K . 11.93 6.06 -15.07
C2 EDO K . 9.79 7.02 -15.57
O2 EDO K . 9.19 7.44 -16.80
H11 EDO K . 10.86 5.60 -16.81
H12 EDO K . 10.20 4.91 -15.32
HO1 EDO K . 12.33 5.21 -14.80
H21 EDO K . 9.01 6.79 -14.85
H22 EDO K . 10.39 7.84 -15.16
HO2 EDO K . 8.82 8.33 -16.68
C1 EDO L . 23.26 4.80 -5.96
O1 EDO L . 23.66 6.13 -6.30
C2 EDO L . 22.15 4.25 -6.86
O2 EDO L . 22.40 4.52 -8.25
H11 EDO L . 24.13 4.14 -6.03
H12 EDO L . 22.91 4.79 -4.92
HO1 EDO L . 24.30 6.45 -5.65
H21 EDO L . 21.20 4.71 -6.57
H22 EDO L . 22.06 3.17 -6.70
HO2 EDO L . 21.57 4.66 -8.71
C1 EDO M . 8.40 -3.72 -23.16
O1 EDO M . 7.03 -4.02 -23.42
C2 EDO M . 8.63 -2.26 -23.50
O2 EDO M . 9.14 -1.48 -22.40
H11 EDO M . 8.63 -3.91 -22.12
H12 EDO M . 9.05 -4.35 -23.77
HO1 EDO M . 6.97 -4.73 -24.08
H21 EDO M . 9.34 -2.20 -24.33
H22 EDO M . 7.69 -1.82 -23.84
HO2 EDO M . 8.95 -0.54 -22.55
P AMP N . 3.69 -11.24 -3.31
O1P AMP N . 2.28 -11.53 -2.87
O2P AMP N . 4.69 -10.94 -2.20
O3P AMP N . 4.24 -12.19 -4.35
O5' AMP N . 3.50 -9.85 -4.09
C5' AMP N . 4.48 -9.40 -5.02
C4' AMP N . 3.85 -8.73 -6.22
O4' AMP N . 4.88 -8.10 -7.01
C3' AMP N . 3.09 -9.69 -7.15
O3' AMP N . 1.75 -9.23 -7.33
C2' AMP N . 3.88 -9.61 -8.47
O2' AMP N . 3.11 -9.73 -9.66
C1' AMP N . 4.55 -8.26 -8.37
N9 AMP N . 5.78 -8.17 -9.15
C8 AMP N . 6.86 -8.98 -9.01
N7 AMP N . 7.80 -8.63 -9.96
C5 AMP N . 7.30 -7.59 -10.69
C6 AMP N . 7.75 -6.75 -11.84
N6 AMP N . 8.96 -6.94 -12.42
N1 AMP N . 6.92 -5.80 -12.29
C2 AMP N . 5.69 -5.64 -11.73
N3 AMP N . 5.20 -6.33 -10.68
C4 AMP N . 5.96 -7.33 -10.15
H5'1 AMP N . 5.07 -10.25 -5.37
H5'2 AMP N . 5.16 -8.70 -4.52
H4' AMP N . 3.14 -7.95 -5.86
H3' AMP N . 3.12 -10.72 -6.77
HO3' AMP N . 1.41 -9.55 -8.18
H2' AMP N . 4.64 -10.39 -8.44
HO2' AMP N . 2.60 -10.55 -9.64
H1' AMP N . 3.85 -7.46 -8.67
H8 AMP N . 6.98 -9.76 -8.29
HN61 AMP N . 9.24 -6.35 -13.19
HN62 AMP N . 9.59 -7.64 -12.07
H2 AMP N . 5.06 -4.87 -12.15
C1 EDO O . 14.48 3.59 -15.52
O1 EDO O . 14.01 3.32 -14.19
C2 EDO O . 16.01 3.44 -15.53
O2 EDO O . 16.39 2.12 -15.10
H11 EDO O . 14.20 4.61 -15.81
H12 EDO O . 14.02 2.90 -16.22
HO1 EDO O . 13.05 3.40 -14.17
H21 EDO O . 16.45 4.19 -14.88
H22 EDO O . 16.38 3.61 -16.54
HO2 EDO O . 17.35 2.10 -14.94
C1 EDO P . 5.57 12.93 13.05
O1 EDO P . 5.27 12.50 14.39
C2 EDO P . 6.77 13.89 13.07
O2 EDO P . 7.83 13.35 13.90
H11 EDO P . 4.70 13.44 12.62
H12 EDO P . 5.78 12.07 12.42
HO1 EDO P . 4.52 11.89 14.37
H21 EDO P . 6.47 14.86 13.46
H22 EDO P . 7.15 14.03 12.06
HO2 EDO P . 8.69 13.60 13.53
C1 EDO Q . 12.13 5.92 14.12
O1 EDO Q . 12.00 4.55 14.59
C2 EDO Q . 11.04 6.87 14.63
O2 EDO Q . 9.78 6.18 14.81
H11 EDO Q . 12.11 5.92 13.03
H12 EDO Q . 13.10 6.29 14.46
HO1 EDO Q . 11.24 4.14 14.15
H21 EDO Q . 10.90 7.68 13.92
H22 EDO Q . 11.35 7.31 15.59
HO2 EDO Q . 9.06 6.82 14.75
C1 EDO R . 3.47 -16.40 18.58
O1 EDO R . 2.22 -15.69 18.51
C2 EDO R . 3.22 -17.90 18.37
O2 EDO R . 2.64 -18.11 17.07
H11 EDO R . 3.92 -16.24 19.56
H12 EDO R . 4.15 -16.02 17.82
HO1 EDO R . 2.39 -14.77 18.27
H21 EDO R . 2.55 -18.27 19.14
H22 EDO R . 4.16 -18.44 18.44
HO2 EDO R . 1.68 -18.18 17.15
C1 EDO S . 8.75 -13.82 21.36
O1 EDO S . 7.72 -14.44 20.60
C2 EDO S . 10.02 -13.64 20.52
O2 EDO S . 10.88 -12.70 21.16
H11 EDO S . 8.98 -14.44 22.24
H12 EDO S . 8.42 -12.85 21.73
HO1 EDO S . 6.85 -14.19 20.96
H21 EDO S . 9.75 -13.28 19.53
H22 EDO S . 10.53 -14.60 20.40
HO2 EDO S . 11.60 -12.47 20.55
C1 EDO T . 17.31 -3.20 20.57
O1 EDO T . 17.88 -1.94 20.24
C2 EDO T . 17.91 -4.29 19.69
O2 EDO T . 19.11 -4.86 20.23
H11 EDO T . 16.22 -3.17 20.42
H12 EDO T . 17.50 -3.43 21.62
HO1 EDO T . 17.25 -1.23 20.43
H21 EDO T . 18.13 -3.87 18.70
H22 EDO T . 17.17 -5.09 19.55
HO2 EDO T . 19.39 -5.62 19.69
C1 EDO U . -1.91 -0.67 -18.54
O1 EDO U . -2.92 -1.57 -18.07
C2 EDO U . -2.01 -0.38 -20.04
O2 EDO U . -1.44 -1.46 -20.80
H11 EDO U . -0.93 -1.09 -18.32
H12 EDO U . -2.00 0.27 -17.99
HO1 EDO U . -2.50 -2.38 -17.75
H21 EDO U . -1.49 0.55 -20.28
H22 EDO U . -3.06 -0.24 -20.32
HO2 EDO U . -0.79 -1.10 -21.42
C1 EDO V . 30.95 -6.40 -4.99
O1 EDO V . 30.41 -7.41 -5.85
C2 EDO V . 30.79 -6.87 -3.54
O2 EDO V . 30.45 -8.26 -3.53
H11 EDO V . 30.43 -5.45 -5.14
H12 EDO V . 32.01 -6.24 -5.21
HO1 EDO V . 30.02 -6.98 -6.63
H21 EDO V . 30.01 -6.29 -3.05
H22 EDO V . 31.72 -6.71 -2.98
HO2 EDO V . 30.03 -8.49 -2.70
C1 EDO W . 30.10 -9.42 2.83
O1 EDO W . 28.70 -9.37 2.54
C2 EDO W . 30.57 -8.00 3.09
O2 EDO W . 29.66 -7.49 4.07
H11 EDO W . 30.64 -9.85 1.97
H12 EDO W . 30.28 -10.05 3.70
HO1 EDO W . 28.28 -10.20 2.82
H21 EDO W . 30.54 -7.41 2.17
H22 EDO W . 31.60 -8.00 3.46
HO2 EDO W . 30.16 -7.04 4.77
C1 EDO X . 7.54 -12.02 3.02
O1 EDO X . 6.61 -12.70 3.90
C2 EDO X . 7.46 -12.40 1.54
O2 EDO X . 6.23 -11.94 0.96
H11 EDO X . 8.55 -12.23 3.37
H12 EDO X . 7.37 -10.94 3.11
HO1 EDO X . 5.90 -12.09 4.13
H21 EDO X . 7.53 -13.48 1.43
H22 EDO X . 8.31 -11.97 1.00
HO2 EDO X . 6.23 -12.13 0.01
C1 EDO Y . -0.55 2.75 16.19
O1 EDO Y . -1.65 2.46 17.10
C2 EDO Y . 0.80 2.78 16.90
O2 EDO Y . 0.88 1.71 17.87
H11 EDO Y . -0.73 3.72 15.73
H12 EDO Y . -0.52 2.00 15.40
HO1 EDO Y . -2.44 2.92 16.80
H21 EDO Y . 0.93 3.73 17.41
H22 EDO Y . 1.60 2.68 16.16
HO2 EDO Y . 1.81 1.55 18.10
C1 EDO Z . -8.44 -13.93 9.80
O1 EDO Z . -7.27 -13.58 9.07
C2 EDO Z . -8.24 -13.82 11.31
O2 EDO Z . -7.45 -14.89 11.85
H11 EDO Z . -8.72 -14.96 9.55
H12 EDO Z . -9.27 -13.27 9.49
HO1 EDO Z . -7.47 -13.53 8.12
H21 EDO Z . -9.22 -13.83 11.79
H22 EDO Z . -7.76 -12.87 11.54
HO2 EDO Z . -7.33 -14.75 12.80
C1 EDO AA . -0.48 -7.61 -2.73
O1 EDO AA . 0.91 -7.83 -3.05
C2 EDO AA . -0.66 -6.49 -1.70
O2 EDO AA . 0.21 -5.38 -2.01
H11 EDO AA . -0.91 -8.53 -2.33
H12 EDO AA . -1.02 -7.34 -3.64
HO1 EDO AA . 0.97 -8.37 -3.85
H21 EDO AA . -0.43 -6.87 -0.69
H22 EDO AA . -1.70 -6.15 -1.70
HO2 EDO AA . 0.00 -4.63 -1.44
C1 EDO BA . 12.14 -4.48 -14.87
O1 EDO BA . 11.79 -5.75 -14.31
C2 EDO BA . 13.62 -4.12 -14.67
O2 EDO BA . 14.17 -3.47 -15.84
H11 EDO BA . 11.52 -3.70 -14.41
H12 EDO BA . 11.93 -4.49 -15.94
HO1 EDO BA . 10.83 -5.83 -14.30
H21 EDO BA . 14.20 -5.02 -14.46
H22 EDO BA . 13.72 -3.46 -13.81
HO2 EDO BA . 15.10 -3.24 -15.67
C1 EDO CA . -15.32 -12.24 8.29
O1 EDO CA . -15.08 -12.24 9.71
C2 EDO CA . -16.26 -11.09 8.01
O2 EDO CA . -15.63 -10.21 7.08
H11 EDO CA . -15.78 -13.19 7.99
H12 EDO CA . -14.39 -12.13 7.74
HO1 EDO CA . -14.36 -12.86 9.91
H21 EDO CA . -16.49 -10.54 8.93
H22 EDO CA . -17.20 -11.46 7.60
HO2 EDO CA . -16.15 -9.41 6.98
ZN ZN DA . -17.28 -1.44 -9.95
ZN ZN EA . -32.60 8.20 4.56
C1 EDO FA . -25.82 0.51 -4.43
C1 EDO FA . -27.19 -0.41 -5.37
O1 EDO FA . -26.42 -0.75 -4.83
O1 EDO FA . -26.27 -0.79 -4.34
C2 EDO FA . -24.31 0.42 -4.52
C2 EDO FA . -27.71 -1.70 -5.98
O2 EDO FA . -23.95 0.10 -5.88
O2 EDO FA . -29.01 -1.45 -6.51
H11 EDO FA . -26.19 1.31 -5.08
H11 EDO FA . -28.01 0.18 -4.95
H12 EDO FA . -26.12 0.75 -3.41
H12 EDO FA . -26.69 0.20 -6.12
HO1 EDO FA . -27.38 -0.70 -4.73
HO1 EDO FA . -26.74 -0.85 -3.49
H21 EDO FA . -23.86 1.37 -4.23
H21 EDO FA . -27.03 -2.04 -6.76
H22 EDO FA . -23.94 -0.37 -3.85
H22 EDO FA . -27.76 -2.49 -5.22
HO2 EDO FA . -23.00 -0.01 -5.95
HO2 EDO FA . -29.66 -1.47 -5.80
C1 EDO GA . -28.55 -9.86 1.92
O1 EDO GA . -27.25 -9.83 1.31
C2 EDO GA . -29.44 -8.79 1.28
O2 EDO GA . -29.94 -7.92 2.31
H11 EDO GA . -28.47 -9.68 2.99
H12 EDO GA . -29.01 -10.84 1.78
HO1 EDO GA . -26.70 -10.52 1.70
H21 EDO GA . -30.27 -9.26 0.76
H22 EDO GA . -28.86 -8.21 0.56
HO2 EDO GA . -30.45 -7.21 1.89
C1 EDO HA . -22.68 -3.92 -6.42
O1 EDO HA . -22.00 -5.19 -6.57
C2 EDO HA . -22.98 -3.14 -7.70
O2 EDO HA . -23.64 -1.91 -7.35
H11 EDO HA . -22.07 -3.28 -5.77
H12 EDO HA . -23.62 -4.10 -5.90
HO1 EDO HA . -22.64 -5.86 -6.83
H21 EDO HA . -23.62 -3.74 -8.36
H22 EDO HA . -22.05 -2.93 -8.23
HO2 EDO HA . -23.45 -1.25 -8.02
CL CL IA . -15.09 -13.36 -8.78
#